data_8FZA
#
_entry.id   8FZA
#
_cell.length_a   46.739
_cell.length_b   32.272
_cell.length_c   51.206
_cell.angle_alpha   90.000
_cell.angle_beta   96.930
_cell.angle_gamma   90.000
#
_symmetry.space_group_name_H-M   'P 1 2 1'
#
loop_
_entity.id
_entity.type
_entity.pdbx_description
1 polymer 'PreQ1 Riboswitch (30-MER)'
2 non-polymer 7-DEAZA-7-AMINOMETHYL-GUANINE
3 non-polymer 'MANGANESE (II) ION'
4 water water
#
_entity_poly.entity_id   1
_entity_poly.type   'polyribonucleotide'
_entity_poly.pdbx_seq_one_letter_code
;UUGGGUUCCCUCACCCCAAUCAUAAAAAGG
;
_entity_poly.pdbx_strand_id   A,B
#
loop_
_chem_comp.id
_chem_comp.type
_chem_comp.name
_chem_comp.formula
A RNA linking ADENOSINE-5'-MONOPHOSPHATE 'C10 H14 N5 O7 P'
C RNA linking CYTIDINE-5'-MONOPHOSPHATE 'C9 H14 N3 O8 P'
G RNA linking GUANOSINE-5'-MONOPHOSPHATE 'C10 H14 N5 O8 P'
MN non-polymer 'MANGANESE (II) ION' 'Mn 2'
PRF non-polymer 7-DEAZA-7-AMINOMETHYL-GUANINE 'C7 H9 N5 O'
U RNA linking URIDINE-5'-MONOPHOSPHATE 'C9 H13 N2 O9 P'
#
# COMPACT_ATOMS: atom_id res chain seq x y z
N1 PRF C . -5.08 -1.96 11.72
C2 PRF C . -3.76 -1.67 11.49
N3 PRF C . -2.75 -2.47 11.83
C4 PRF C . -3.12 -3.62 12.45
C5 PRF C . -4.45 -3.99 12.73
C6 PRF C . -5.51 -3.13 12.36
O6 PRF C . -6.73 -3.32 12.53
C7 PRF C . -4.38 -5.28 13.38
C10 PRF C . -5.56 -6.08 13.87
N11 PRF C . -6.74 -5.91 13.03
C8 PRF C . -3.06 -5.60 13.46
N9 PRF C . -2.30 -4.61 12.90
N2 PRF C . -3.50 -0.51 10.87
MN MN D . -2.00 6.88 19.48
MN MN E . -9.55 -9.63 10.19
N1 PRF F . 4.51 1.71 -12.17
C2 PRF F . 5.62 1.93 -12.94
N3 PRF F . 5.78 3.00 -13.72
C4 PRF F . 4.75 3.88 -13.70
C5 PRF F . 3.57 3.74 -12.95
C6 PRF F . 3.42 2.59 -12.11
O6 PRF F . 2.45 2.31 -11.39
C7 PRF F . 2.75 4.88 -13.23
C10 PRF F . 1.40 5.17 -12.65
N11 PRF F . 1.30 4.81 -11.23
C8 PRF F . 3.45 5.64 -14.11
N9 PRF F . 4.65 5.05 -14.40
N2 PRF F . 6.58 1.00 -12.88
MN MN G . 3.77 -6.68 -20.93
MN MN H . 14.51 11.87 -3.88
#